data_8SH4
#
_entry.id   8SH4
#
_cell.length_a   104.730
_cell.length_b   104.730
_cell.length_c   91.230
_cell.angle_alpha   90.00
_cell.angle_beta   90.00
_cell.angle_gamma   90.00
#
_symmetry.space_group_name_H-M   'P 43 21 2'
#
loop_
_entity.id
_entity.type
_entity.pdbx_description
1 polymer 'tRNA (guanine-N(1)-)-methyltransferase'
2 non-polymer GLYCEROL
3 water water
#
_entity_poly.entity_id   1
_entity_poly.type   'polypeptide(L)'
_entity_poly.pdbx_seq_one_letter_code
;SMIFNVLTIFPQMFPGPLGVSNLGSALKKGLWTLNVFDIRAFANNKHNTVDDTPYGGGPGMLLRADVLGRCIDEVLSLHP
NTKLMFTSPRGVSFTQDIARQTMNFDNITLLCGRFEGIDERVVDFYKLQEVSIGDYVLSGGELAAMVIIDTCVRMVPGVI
GNAESLKQESMEGSLEYPQYTRPASWKGMEVPEVLLTGNHGEIEKWRRNASLSITAAR
;
_entity_poly.pdbx_strand_id   A
#
# COMPACT_ATOMS: atom_id res chain seq x y z
N SER A 1 17.13 7.09 -2.27
CA SER A 1 16.31 5.95 -2.72
C SER A 1 14.88 6.07 -2.20
N MET A 2 14.31 4.97 -1.73
CA MET A 2 12.94 4.97 -1.16
C MET A 2 12.86 3.68 -0.34
N ILE A 3 12.77 3.77 0.99
CA ILE A 3 12.82 2.61 1.88
C ILE A 3 11.49 2.42 2.59
N PHE A 4 11.04 1.16 2.66
CA PHE A 4 9.86 0.78 3.43
C PHE A 4 10.26 -0.26 4.48
N ASN A 5 9.95 0.00 5.74
CA ASN A 5 10.11 -0.98 6.80
C ASN A 5 8.76 -1.49 7.25
N VAL A 6 8.59 -2.81 7.21
CA VAL A 6 7.33 -3.41 7.61
C VAL A 6 7.58 -4.18 8.90
N LEU A 7 6.73 -3.95 9.89
CA LEU A 7 6.80 -4.68 11.17
C LEU A 7 5.58 -5.60 11.25
N THR A 8 5.79 -6.91 11.23
CA THR A 8 4.70 -7.89 11.22
C THR A 8 5.14 -9.12 11.99
N ILE A 9 4.16 -9.93 12.40
CA ILE A 9 4.44 -11.24 12.98
C ILE A 9 4.29 -12.36 11.96
N PHE A 10 4.01 -12.01 10.69
CA PHE A 10 3.96 -12.97 9.59
C PHE A 10 4.92 -12.55 8.48
N PRO A 11 6.23 -12.59 8.74
CA PRO A 11 7.18 -12.10 7.73
C PRO A 11 7.22 -12.94 6.48
N GLN A 12 6.69 -14.16 6.55
CA GLN A 12 6.67 -15.04 5.39
C GLN A 12 5.70 -14.57 4.33
N MET A 13 4.79 -13.65 4.68
CA MET A 13 3.89 -13.10 3.67
C MET A 13 4.65 -12.23 2.68
N PHE A 14 5.72 -11.64 3.12
CA PHE A 14 6.39 -10.70 2.26
C PHE A 14 7.57 -11.35 1.55
N PRO A 15 7.92 -10.84 0.36
CA PRO A 15 7.28 -9.70 -0.30
C PRO A 15 5.91 -10.02 -0.89
N GLY A 16 5.52 -11.29 -0.92
CA GLY A 16 4.28 -11.67 -1.55
C GLY A 16 4.09 -10.88 -2.83
N PRO A 17 2.86 -10.42 -3.05
CA PRO A 17 2.55 -9.69 -4.29
C PRO A 17 3.48 -8.51 -4.53
N LEU A 18 4.08 -7.95 -3.47
CA LEU A 18 5.03 -6.87 -3.67
C LEU A 18 6.26 -7.31 -4.45
N GLY A 19 6.56 -8.60 -4.52
CA GLY A 19 7.77 -8.99 -5.23
C GLY A 19 7.70 -9.39 -6.69
N VAL A 20 6.67 -8.95 -7.43
CA VAL A 20 6.35 -9.52 -8.73
C VAL A 20 6.14 -8.41 -9.77
N SER A 21 6.29 -8.76 -11.04
CA SER A 21 6.15 -7.82 -12.16
C SER A 21 7.13 -6.64 -12.06
N ASN A 22 6.66 -5.39 -12.21
CA ASN A 22 7.57 -4.25 -12.19
C ASN A 22 8.05 -4.20 -10.75
N LEU A 23 7.11 -4.32 -9.81
CA LEU A 23 7.40 -4.06 -8.39
C LEU A 23 8.56 -4.90 -7.89
N GLY A 24 8.55 -6.20 -8.21
CA GLY A 24 9.66 -7.05 -7.78
C GLY A 24 10.94 -6.76 -8.52
N SER A 25 10.84 -6.64 -9.85
CA SER A 25 11.96 -6.23 -10.69
C SER A 25 12.67 -5.06 -10.04
N ALA A 26 11.98 -3.92 -9.94
CA ALA A 26 12.58 -2.73 -9.33
C ALA A 26 13.13 -3.02 -7.94
N LEU A 27 12.51 -3.95 -7.22
CA LEU A 27 13.01 -4.30 -5.90
C LEU A 27 14.39 -4.96 -5.99
N LYS A 28 14.52 -5.94 -6.87
CA LYS A 28 15.85 -6.56 -7.09
C LYS A 28 16.78 -5.46 -7.59
N LYS A 29 16.38 -4.74 -8.62
CA LYS A 29 17.17 -3.62 -9.16
C LYS A 29 17.62 -2.72 -8.02
N GLY A 30 16.90 -2.67 -6.90
CA GLY A 30 17.24 -1.75 -5.83
C GLY A 30 16.76 -0.32 -6.02
N LEU A 31 15.69 -0.12 -6.78
CA LEU A 31 15.10 1.24 -6.88
C LEU A 31 14.45 1.57 -5.55
N TRP A 32 14.03 0.54 -4.81
CA TRP A 32 13.45 0.70 -3.48
C TRP A 32 13.90 -0.45 -2.58
N THR A 33 13.76 -0.24 -1.27
CA THR A 33 14.16 -1.22 -0.27
C THR A 33 12.95 -1.72 0.52
N LEU A 34 12.97 -3.00 0.87
CA LEU A 34 11.92 -3.59 1.67
C LEU A 34 12.55 -4.31 2.87
N ASN A 35 12.49 -3.67 4.02
CA ASN A 35 12.93 -4.26 5.26
C ASN A 35 11.72 -4.78 6.05
N VAL A 36 11.66 -6.09 6.25
CA VAL A 36 10.56 -6.73 6.96
C VAL A 36 11.11 -7.26 8.28
N PHE A 37 10.57 -6.76 9.38
CA PHE A 37 11.01 -7.12 10.72
C PHE A 37 10.02 -8.09 11.34
N ASP A 38 10.53 -9.22 11.83
CA ASP A 38 9.69 -10.16 12.57
C ASP A 38 9.45 -9.60 13.95
N ILE A 39 8.21 -9.28 14.31
CA ILE A 39 8.04 -8.75 15.70
C ILE A 39 8.32 -9.87 16.69
N ARG A 40 8.01 -11.12 16.31
CA ARG A 40 8.19 -12.21 17.27
CA ARG A 40 8.19 -12.21 17.27
C ARG A 40 9.63 -12.29 17.76
N ALA A 41 10.60 -11.85 16.96
CA ALA A 41 12.00 -11.96 17.35
C ALA A 41 12.35 -11.08 18.53
N PHE A 42 11.57 -10.05 18.80
CA PHE A 42 11.92 -9.06 19.84
C PHE A 42 11.47 -9.57 21.22
N ALA A 43 10.58 -10.56 21.31
CA ALA A 43 10.16 -11.01 22.63
C ALA A 43 11.36 -11.58 23.39
N ASN A 44 11.73 -10.90 24.46
CA ASN A 44 12.79 -11.45 25.34
C ASN A 44 12.02 -12.20 26.42
N ASN A 45 10.71 -11.94 26.52
CA ASN A 45 9.80 -12.66 27.42
C ASN A 45 10.09 -14.16 27.41
N LYS A 46 10.19 -14.78 28.58
CA LYS A 46 10.40 -16.26 28.63
C LYS A 46 9.26 -17.03 27.97
N HIS A 47 8.02 -16.62 28.22
CA HIS A 47 6.86 -17.21 27.52
C HIS A 47 7.08 -16.90 26.03
N ASN A 48 8.04 -16.03 25.72
CA ASN A 48 8.30 -15.61 24.33
C ASN A 48 7.01 -15.40 23.53
N THR A 49 6.03 -14.74 24.14
CA THR A 49 4.79 -14.39 23.47
C THR A 49 4.85 -12.93 23.05
N VAL A 50 4.21 -12.60 21.93
CA VAL A 50 4.10 -11.21 21.50
C VAL A 50 2.77 -10.62 21.95
N ASP A 51 1.75 -11.45 21.99
CA ASP A 51 0.43 -11.00 22.37
C ASP A 51 0.20 -11.34 23.84
N ASP A 52 -1.00 -11.01 24.29
CA ASP A 52 -1.42 -11.27 25.69
C ASP A 52 -2.87 -10.84 25.79
N THR A 53 -3.51 -11.06 26.93
CA THR A 53 -4.94 -10.80 27.06
C THR A 53 -4.96 -9.32 27.47
N PRO A 54 -6.12 -8.65 27.34
CA PRO A 54 -6.15 -7.22 27.66
C PRO A 54 -6.61 -6.90 29.08
N TYR A 55 -5.88 -6.01 29.75
CA TYR A 55 -6.34 -5.45 31.02
C TYR A 55 -7.79 -4.99 30.87
N GLY A 56 -8.63 -5.44 31.76
CA GLY A 56 -10.03 -5.12 31.62
C GLY A 56 -10.80 -6.15 30.87
N GLY A 57 -10.12 -7.10 30.26
CA GLY A 57 -10.80 -8.23 29.67
C GLY A 57 -11.48 -7.92 28.35
N GLY A 58 -12.13 -8.95 27.83
CA GLY A 58 -12.71 -8.90 26.51
C GLY A 58 -12.08 -9.94 25.61
N PRO A 59 -12.34 -9.84 24.31
CA PRO A 59 -11.96 -10.92 23.40
C PRO A 59 -10.57 -10.75 22.83
N GLY A 60 -10.03 -11.86 22.33
CA GLY A 60 -8.79 -11.83 21.61
C GLY A 60 -7.59 -11.36 22.44
N MET A 61 -6.56 -10.99 21.71
CA MET A 61 -5.32 -10.60 22.39
C MET A 61 -4.89 -9.21 21.93
N LEU A 62 -3.74 -8.74 22.43
CA LEU A 62 -3.23 -7.40 22.06
C LEU A 62 -1.71 -7.48 22.06
N LEU A 63 -1.07 -6.89 21.06
CA LEU A 63 0.38 -6.94 21.00
C LEU A 63 0.97 -6.13 22.15
N ARG A 64 1.95 -6.69 22.84
CA ARG A 64 2.45 -6.09 24.07
C ARG A 64 3.30 -4.87 23.78
N ALA A 65 3.19 -3.87 24.66
CA ALA A 65 3.92 -2.64 24.46
C ALA A 65 5.42 -2.85 24.55
N ASP A 66 5.89 -3.69 25.48
CA ASP A 66 7.32 -3.85 25.69
C ASP A 66 7.98 -4.48 24.48
N VAL A 67 7.30 -5.46 23.87
CA VAL A 67 7.81 -6.13 22.68
C VAL A 67 7.86 -5.18 21.50
N LEU A 68 6.76 -4.49 21.23
CA LEU A 68 6.71 -3.58 20.09
C LEU A 68 7.76 -2.49 20.22
N GLY A 69 7.96 -1.99 21.43
CA GLY A 69 8.93 -0.93 21.64
C GLY A 69 10.35 -1.39 21.34
N ARG A 70 10.69 -2.59 21.81
CA ARG A 70 11.99 -3.18 21.45
C ARG A 70 12.15 -3.22 19.95
N CYS A 71 11.09 -3.62 19.24
CA CYS A 71 11.16 -3.67 17.79
C CYS A 71 11.26 -2.27 17.19
N ILE A 72 10.44 -1.35 17.66
CA ILE A 72 10.40 0.00 17.08
C ILE A 72 11.70 0.74 17.39
N ASP A 73 12.23 0.58 18.60
CA ASP A 73 13.51 1.21 18.90
C ASP A 73 14.60 0.73 17.93
N GLU A 74 14.63 -0.57 17.63
CA GLU A 74 15.64 -1.06 16.69
C GLU A 74 15.51 -0.36 15.34
N VAL A 75 14.28 -0.23 14.83
CA VAL A 75 14.10 0.41 13.53
C VAL A 75 14.47 1.88 13.58
N LEU A 76 14.24 2.51 14.73
CA LEU A 76 14.59 3.92 14.86
C LEU A 76 16.10 4.08 14.92
N SER A 77 16.76 3.18 15.66
CA SER A 77 18.24 3.19 15.75
C SER A 77 18.80 3.06 14.36
N LEU A 78 18.11 2.33 13.47
CA LEU A 78 18.59 2.10 12.13
C LEU A 78 18.09 3.13 11.11
N HIS A 79 17.00 3.86 11.41
CA HIS A 79 16.46 4.87 10.48
C HIS A 79 15.84 6.01 11.27
N PRO A 80 16.64 6.79 11.99
CA PRO A 80 16.08 7.81 12.90
C PRO A 80 15.01 8.69 12.27
N ASN A 81 15.19 9.13 11.03
CA ASN A 81 14.23 10.03 10.40
C ASN A 81 13.28 9.25 9.50
N THR A 82 12.40 8.50 10.15
CA THR A 82 11.47 7.61 9.47
C THR A 82 10.06 7.96 9.94
N LYS A 83 9.10 7.92 9.02
CA LYS A 83 7.71 8.27 9.35
C LYS A 83 7.02 7.01 9.86
N LEU A 84 6.73 6.98 11.17
CA LEU A 84 6.08 5.84 11.81
C LEU A 84 4.59 5.82 11.54
N MET A 85 4.11 4.73 10.97
CA MET A 85 2.69 4.61 10.60
C MET A 85 2.14 3.31 11.19
N PHE A 86 0.83 3.13 11.12
CA PHE A 86 0.18 1.99 11.76
C PHE A 86 -1.14 1.73 11.05
N THR A 87 -1.37 0.48 10.66
CA THR A 87 -2.56 0.12 9.91
C THR A 87 -3.70 -0.23 10.87
N SER A 88 -4.79 0.54 10.80
CA SER A 88 -6.01 0.22 11.54
C SER A 88 -7.17 0.86 10.78
N PRO A 89 -8.39 0.32 10.87
CA PRO A 89 -9.46 0.79 9.98
C PRO A 89 -10.06 2.14 10.39
N ARG A 90 -9.61 2.70 11.50
CA ARG A 90 -10.15 3.97 11.95
C ARG A 90 -9.06 5.02 11.98
N GLY A 91 -8.46 5.29 10.83
CA GLY A 91 -7.45 6.32 10.75
C GLY A 91 -7.57 7.04 9.43
N VAL A 92 -6.58 7.89 9.14
CA VAL A 92 -6.59 8.68 7.88
C VAL A 92 -6.96 7.77 6.73
N SER A 93 -7.96 8.14 5.95
CA SER A 93 -8.33 7.31 4.81
C SER A 93 -7.37 7.52 3.67
N PHE A 94 -6.79 6.41 3.22
CA PHE A 94 -5.68 6.42 2.28
C PHE A 94 -6.21 6.65 0.88
N THR A 95 -5.58 7.57 0.18
CA THR A 95 -6.01 7.97 -1.15
C THR A 95 -4.77 8.20 -1.99
N GLN A 96 -4.97 8.21 -3.30
CA GLN A 96 -3.86 8.48 -4.21
C GLN A 96 -3.13 9.75 -3.84
N ASP A 97 -3.84 10.73 -3.28
CA ASP A 97 -3.19 11.98 -2.93
C ASP A 97 -2.41 11.84 -1.62
N ILE A 98 -2.95 11.11 -0.65
CA ILE A 98 -2.19 10.84 0.61
C ILE A 98 -0.90 10.14 0.19
N ALA A 99 -1.02 9.15 -0.70
CA ALA A 99 0.17 8.51 -1.21
C ALA A 99 1.23 9.54 -1.61
N ARG A 100 0.86 10.46 -2.51
CA ARG A 100 1.79 11.49 -2.97
C ARG A 100 2.45 12.21 -1.79
N GLN A 101 1.67 12.58 -0.78
CA GLN A 101 2.26 13.27 0.36
C GLN A 101 3.30 12.41 1.05
N THR A 102 3.16 11.10 0.96
CA THR A 102 4.11 10.20 1.64
C THR A 102 5.44 10.15 0.90
N MET A 103 5.41 10.25 -0.43
CA MET A 103 6.61 10.36 -1.24
C MET A 103 7.57 11.41 -0.72
N ASN A 104 7.05 12.46 -0.07
CA ASN A 104 7.90 13.50 0.52
C ASN A 104 8.90 12.90 1.51
N PHE A 105 8.45 11.92 2.28
CA PHE A 105 9.37 11.14 3.15
C PHE A 105 9.94 10.04 2.26
N ASP A 106 11.20 9.70 2.46
CA ASP A 106 11.88 8.66 1.67
C ASP A 106 12.18 7.47 2.57
N ASN A 107 11.52 7.36 3.72
CA ASN A 107 11.79 6.25 4.63
C ASN A 107 10.57 6.09 5.54
N ILE A 108 9.67 5.16 5.18
CA ILE A 108 8.39 4.98 5.91
C ILE A 108 8.42 3.65 6.65
N THR A 109 7.85 3.57 7.85
CA THR A 109 7.72 2.36 8.66
C THR A 109 6.25 2.04 8.89
N LEU A 110 5.87 0.79 8.64
CA LEU A 110 4.46 0.40 8.65
C LEU A 110 4.27 -0.73 9.65
N LEU A 111 3.77 -0.41 10.82
CA LEU A 111 3.45 -1.45 11.79
C LEU A 111 2.11 -2.06 11.42
N CYS A 112 2.04 -3.39 11.36
CA CYS A 112 0.81 -4.08 10.98
C CYS A 112 0.12 -4.61 12.23
N GLY A 113 -1.16 -4.26 12.41
CA GLY A 113 -1.93 -4.81 13.50
C GLY A 113 -2.12 -6.31 13.37
N ARG A 114 -2.37 -6.96 14.52
CA ARG A 114 -2.89 -8.33 14.53
C ARG A 114 -3.70 -8.52 15.80
N PHE A 115 -4.55 -9.55 15.79
CA PHE A 115 -5.47 -9.86 16.90
C PHE A 115 -6.35 -8.62 17.00
N GLU A 116 -6.74 -8.19 18.21
CA GLU A 116 -7.63 -7.06 18.48
C GLU A 116 -6.97 -5.67 18.54
N GLY A 117 -5.68 -5.58 18.24
CA GLY A 117 -5.03 -4.30 18.13
C GLY A 117 -3.70 -4.26 18.86
N ILE A 118 -3.27 -3.07 19.25
CA ILE A 118 -2.03 -2.94 19.99
C ILE A 118 -2.27 -2.08 21.24
N ASP A 119 -1.37 -2.25 22.20
CA ASP A 119 -1.40 -1.43 23.42
C ASP A 119 -1.34 0.04 23.04
N GLU A 120 -2.29 0.81 23.56
CA GLU A 120 -2.38 2.22 23.19
C GLU A 120 -1.09 2.99 23.46
N ARG A 121 -0.39 2.65 24.54
CA ARG A 121 0.81 3.44 24.89
C ARG A 121 1.71 3.54 23.65
N VAL A 122 1.79 2.47 22.87
CA VAL A 122 2.65 2.49 21.69
C VAL A 122 2.18 3.54 20.71
N VAL A 123 0.87 3.56 20.42
CA VAL A 123 0.30 4.63 19.60
C VAL A 123 0.71 6.00 20.14
N ASP A 124 0.54 6.21 21.46
CA ASP A 124 0.82 7.51 22.05
C ASP A 124 2.33 7.78 22.19
N PHE A 125 3.06 6.92 22.92
CA PHE A 125 4.50 7.18 23.15
C PHE A 125 5.21 7.50 21.84
N TYR A 126 4.97 6.72 20.78
CA TYR A 126 5.66 6.92 19.52
C TYR A 126 4.98 7.90 18.57
N LYS A 127 3.76 8.31 18.88
CA LYS A 127 3.00 9.24 18.00
C LYS A 127 2.85 8.63 16.60
N LEU A 128 2.21 7.47 16.50
CA LEU A 128 1.92 6.85 15.21
C LEU A 128 0.88 7.53 14.36
N GLN A 129 1.07 7.52 13.05
CA GLN A 129 0.06 8.01 12.13
C GLN A 129 -0.79 6.81 11.70
N GLU A 130 -1.99 6.71 12.26
CA GLU A 130 -2.92 5.67 11.88
C GLU A 130 -3.42 5.88 10.45
N VAL A 131 -3.40 4.83 9.63
CA VAL A 131 -3.82 4.91 8.21
C VAL A 131 -4.80 3.80 7.90
N SER A 132 -5.85 4.11 7.14
CA SER A 132 -6.87 3.16 6.74
C SER A 132 -6.97 3.11 5.23
N ILE A 133 -6.85 1.91 4.66
CA ILE A 133 -7.04 1.77 3.23
C ILE A 133 -8.52 1.68 2.87
N GLY A 134 -9.42 1.76 3.84
CA GLY A 134 -10.82 1.70 3.52
C GLY A 134 -11.66 1.28 4.71
N ASP A 135 -12.97 1.32 4.49
CA ASP A 135 -13.92 1.08 5.57
C ASP A 135 -14.33 -0.39 5.62
N TYR A 136 -13.35 -1.20 6.04
CA TYR A 136 -13.55 -2.65 6.16
C TYR A 136 -12.55 -3.18 7.17
N VAL A 137 -12.87 -4.29 7.84
CA VAL A 137 -12.00 -4.90 8.83
C VAL A 137 -11.30 -6.10 8.23
N LEU A 138 -9.97 -6.08 8.29
CA LEU A 138 -9.12 -7.17 7.86
C LEU A 138 -8.67 -7.99 9.06
N SER A 139 -8.09 -9.15 8.75
CA SER A 139 -7.50 -9.99 9.78
C SER A 139 -6.23 -9.40 10.35
N GLY A 140 -5.69 -8.37 9.73
CA GLY A 140 -4.45 -7.81 10.22
C GLY A 140 -3.99 -6.72 9.28
N GLY A 141 -2.89 -6.10 9.64
CA GLY A 141 -2.54 -4.93 8.89
C GLY A 141 -1.69 -5.16 7.68
N GLU A 142 -1.33 -6.40 7.40
CA GLU A 142 -0.32 -6.64 6.38
C GLU A 142 -0.87 -6.44 4.97
N LEU A 143 -2.09 -6.89 4.69
CA LEU A 143 -2.65 -6.54 3.39
C LEU A 143 -2.70 -5.03 3.21
N ALA A 144 -3.00 -4.30 4.29
CA ALA A 144 -2.97 -2.85 4.24
C ALA A 144 -1.59 -2.34 3.86
N ALA A 145 -0.56 -2.75 4.59
CA ALA A 145 0.79 -2.30 4.27
C ALA A 145 1.16 -2.61 2.82
N MET A 146 0.68 -3.73 2.29
CA MET A 146 0.98 -4.06 0.90
C MET A 146 0.32 -3.05 -0.02
N VAL A 147 -0.98 -2.81 0.19
CA VAL A 147 -1.69 -1.85 -0.64
C VAL A 147 -0.99 -0.50 -0.60
N ILE A 148 -0.65 -0.02 0.59
CA ILE A 148 0.06 1.25 0.68
C ILE A 148 1.37 1.20 -0.10
N ILE A 149 2.19 0.18 0.14
CA ILE A 149 3.49 0.11 -0.52
C ILE A 149 3.31 0.08 -2.03
N ASP A 150 2.42 -0.77 -2.51
CA ASP A 150 2.18 -0.85 -3.94
C ASP A 150 1.80 0.54 -4.46
N THR A 151 0.85 1.20 -3.80
CA THR A 151 0.39 2.49 -4.28
C THR A 151 1.54 3.48 -4.42
N CYS A 152 2.38 3.59 -3.39
CA CYS A 152 3.45 4.58 -3.38
C CYS A 152 4.56 4.24 -4.34
N VAL A 153 5.00 2.98 -4.34
CA VAL A 153 6.20 2.54 -5.13
C VAL A 153 5.95 2.77 -6.62
N ARG A 154 4.71 2.77 -7.05
CA ARG A 154 4.36 2.97 -8.48
C ARG A 154 4.71 4.42 -8.85
N MET A 155 4.84 5.32 -7.87
CA MET A 155 5.17 6.71 -8.15
C MET A 155 6.65 7.01 -7.96
N VAL A 156 7.45 6.03 -7.56
CA VAL A 156 8.91 6.11 -7.68
C VAL A 156 9.24 6.08 -9.17
N PRO A 157 10.30 6.74 -9.62
CA PRO A 157 10.63 6.70 -11.05
C PRO A 157 11.47 5.49 -11.42
N GLY A 158 11.23 4.97 -12.62
CA GLY A 158 11.99 3.79 -13.08
C GLY A 158 11.22 2.52 -12.84
N VAL A 159 10.22 2.58 -11.96
CA VAL A 159 9.34 1.41 -11.65
C VAL A 159 8.36 1.29 -12.81
N ILE A 160 8.01 2.39 -13.45
CA ILE A 160 7.03 2.42 -14.58
C ILE A 160 7.56 3.34 -15.68
N GLY A 161 7.93 2.80 -16.85
CA GLY A 161 8.46 3.60 -17.97
C GLY A 161 7.67 4.87 -18.18
N ASN A 162 8.32 5.99 -18.53
CA ASN A 162 7.51 7.20 -18.60
C ASN A 162 6.26 7.13 -19.49
N ALA A 163 6.15 6.16 -20.39
CA ALA A 163 4.93 5.99 -21.17
C ALA A 163 3.63 5.81 -20.38
N GLU A 164 3.54 4.74 -19.58
CA GLU A 164 2.38 4.51 -18.71
C GLU A 164 2.34 5.45 -17.51
N SER A 165 3.37 6.27 -17.32
CA SER A 165 3.58 7.19 -16.19
C SER A 165 3.01 8.59 -16.43
N LEU A 166 3.44 9.24 -17.53
CA LEU A 166 2.75 10.47 -17.93
C LEU A 166 1.29 10.20 -18.25
N LYS A 167 1.00 9.01 -18.78
CA LYS A 167 -0.36 8.50 -18.85
C LYS A 167 -0.84 8.03 -17.48
N GLN A 168 -2.13 7.68 -17.41
CA GLN A 168 -2.81 7.47 -16.14
C GLN A 168 -3.07 8.85 -15.56
N GLU A 169 -2.01 9.67 -15.38
CA GLU A 169 -2.17 11.08 -15.03
C GLU A 169 -2.92 11.90 -16.07
N SER A 170 -2.91 11.46 -17.34
CA SER A 170 -3.68 12.16 -18.36
C SER A 170 -5.17 12.03 -18.11
N MET A 171 -5.63 10.83 -17.77
CA MET A 171 -7.06 10.58 -17.55
C MET A 171 -7.64 11.50 -16.49
N GLU A 172 -6.82 11.99 -15.57
CA GLU A 172 -7.17 12.99 -14.56
C GLU A 172 -8.13 12.54 -13.47
N GLY A 173 -9.33 12.10 -13.87
CA GLY A 173 -10.31 11.61 -12.89
C GLY A 173 -10.46 10.10 -12.91
N SER A 174 -11.37 9.52 -12.13
CA SER A 174 -11.44 8.04 -12.22
C SER A 174 -11.88 7.54 -13.59
N LEU A 175 -12.38 8.40 -14.47
CA LEU A 175 -12.97 8.02 -15.79
C LEU A 175 -12.10 7.11 -16.68
N GLU A 176 -10.86 7.47 -17.02
CA GLU A 176 -10.08 6.75 -18.07
C GLU A 176 -10.99 6.66 -19.29
N TYR A 177 -11.14 5.46 -19.88
CA TYR A 177 -12.06 5.33 -20.99
C TYR A 177 -12.23 3.85 -21.32
N PRO A 178 -13.22 3.47 -22.12
CA PRO A 178 -13.24 2.10 -22.63
C PRO A 178 -11.99 1.83 -23.46
N GLN A 179 -11.41 0.66 -23.27
CA GLN A 179 -10.24 0.29 -24.06
C GLN A 179 -10.54 -1.00 -24.78
N TYR A 180 -9.91 -1.20 -25.95
CA TYR A 180 -10.19 -2.36 -26.77
C TYR A 180 -8.92 -2.89 -27.40
N THR A 181 -8.96 -4.17 -27.77
CA THR A 181 -7.83 -4.81 -28.44
C THR A 181 -8.31 -6.08 -29.14
N ARG A 182 -7.43 -6.60 -30.01
CA ARG A 182 -7.73 -7.77 -30.86
C ARG A 182 -8.35 -8.93 -30.13
N PRO A 183 -9.21 -9.76 -30.75
CA PRO A 183 -9.82 -9.57 -32.07
C PRO A 183 -10.68 -8.36 -32.36
N ALA A 184 -11.04 -8.18 -33.62
CA ALA A 184 -11.88 -7.05 -33.98
C ALA A 184 -13.35 -7.35 -33.70
N SER A 185 -13.75 -8.60 -33.87
CA SER A 185 -15.03 -9.09 -33.39
C SER A 185 -14.77 -10.21 -32.40
N TRP A 186 -15.60 -10.28 -31.37
CA TRP A 186 -15.53 -11.31 -30.35
C TRP A 186 -16.94 -11.51 -29.85
N LYS A 187 -17.46 -12.73 -29.98
CA LYS A 187 -18.88 -12.98 -29.79
C LYS A 187 -19.71 -11.95 -30.54
N GLY A 188 -19.26 -11.61 -31.74
CA GLY A 188 -19.98 -10.66 -32.58
C GLY A 188 -20.00 -9.24 -32.05
N MET A 189 -19.32 -9.02 -30.93
CA MET A 189 -19.10 -7.67 -30.44
C MET A 189 -17.89 -7.07 -31.16
N GLU A 190 -18.15 -6.02 -31.94
CA GLU A 190 -17.09 -5.42 -32.77
C GLU A 190 -16.59 -4.14 -32.13
N VAL A 191 -15.37 -3.75 -32.48
CA VAL A 191 -14.74 -2.58 -31.88
C VAL A 191 -15.29 -1.31 -32.49
N PRO A 192 -15.58 -0.30 -31.67
CA PRO A 192 -15.91 1.03 -32.20
C PRO A 192 -15.00 1.41 -33.35
N GLU A 193 -15.56 1.67 -34.53
CA GLU A 193 -14.78 1.87 -35.77
C GLU A 193 -13.74 2.97 -35.66
N VAL A 194 -14.01 4.03 -34.91
CA VAL A 194 -13.07 5.15 -34.84
C VAL A 194 -11.69 4.71 -34.39
N LEU A 195 -11.62 3.71 -33.51
CA LEU A 195 -10.33 3.22 -33.02
C LEU A 195 -9.50 2.60 -34.13
N LEU A 196 -10.17 2.04 -35.13
CA LEU A 196 -9.52 1.38 -36.24
C LEU A 196 -9.12 2.33 -37.35
N THR A 197 -9.27 3.64 -37.17
CA THR A 197 -9.03 4.56 -38.28
C THR A 197 -7.64 5.14 -38.31
N GLY A 198 -6.89 5.04 -37.22
CA GLY A 198 -5.62 5.74 -37.15
C GLY A 198 -5.74 7.23 -36.94
N ASN A 199 -6.94 7.75 -36.67
CA ASN A 199 -7.16 9.20 -36.60
C ASN A 199 -6.94 9.65 -35.18
N HIS A 200 -5.72 10.10 -34.87
CA HIS A 200 -5.43 10.46 -33.48
C HIS A 200 -6.41 11.49 -32.95
N GLY A 201 -6.58 12.60 -33.68
CA GLY A 201 -7.49 13.64 -33.23
C GLY A 201 -8.89 13.12 -32.97
N GLU A 202 -9.46 12.41 -33.94
CA GLU A 202 -10.81 11.90 -33.78
C GLU A 202 -10.89 10.82 -32.69
N ILE A 203 -9.77 10.19 -32.36
CA ILE A 203 -9.78 9.14 -31.34
C ILE A 203 -9.70 9.74 -29.93
N GLU A 204 -8.76 10.68 -29.72
CA GLU A 204 -8.73 11.45 -28.48
C GLU A 204 -10.11 12.06 -28.19
N LYS A 205 -10.74 12.65 -29.23
CA LYS A 205 -12.05 13.27 -29.07
C LYS A 205 -13.10 12.26 -28.60
N TRP A 206 -13.15 11.10 -29.23
CA TRP A 206 -14.10 10.07 -28.83
C TRP A 206 -13.81 9.58 -27.43
N ARG A 207 -12.53 9.56 -27.07
CA ARG A 207 -12.11 8.98 -25.76
C ARG A 207 -12.50 9.94 -24.63
N ARG A 208 -12.52 11.24 -24.90
CA ARG A 208 -12.95 12.23 -23.88
C ARG A 208 -14.44 12.09 -23.71
N ASN A 209 -15.17 11.92 -24.81
CA ASN A 209 -16.65 11.81 -24.78
C ASN A 209 -17.02 10.55 -24.00
N ALA A 210 -16.39 9.41 -24.30
CA ALA A 210 -16.65 8.18 -23.57
C ALA A 210 -16.18 8.28 -22.12
N SER A 211 -15.18 9.14 -21.87
CA SER A 211 -14.70 9.36 -20.51
C SER A 211 -15.74 10.05 -19.65
N LEU A 212 -16.53 10.92 -20.30
CA LEU A 212 -17.59 11.73 -19.63
C LEU A 212 -18.79 10.86 -19.35
N SER A 213 -19.21 9.99 -20.27
CA SER A 213 -20.21 8.99 -19.92
C SER A 213 -19.55 7.96 -19.01
N ILE A 214 -20.32 6.98 -18.53
CA ILE A 214 -19.89 6.06 -17.47
C ILE A 214 -19.70 6.83 -16.17
N THR A 215 -18.85 7.86 -16.23
CA THR A 215 -18.68 8.75 -15.06
C THR A 215 -20.02 9.46 -14.83
N ALA A 216 -20.66 9.94 -15.91
CA ALA A 216 -21.97 10.55 -15.73
C ALA A 216 -22.86 9.66 -14.88
N ALA A 217 -22.67 8.35 -14.94
CA ALA A 217 -23.31 7.41 -14.03
C ALA A 217 -22.60 7.37 -12.69
N ARG A 218 -22.33 8.54 -12.12
CA ARG A 218 -21.65 8.69 -10.82
C ARG A 218 -21.76 10.12 -10.32
#